data_1V0C
#
_entry.id   1V0C
#
_cell.length_a   57.399
_cell.length_b   57.399
_cell.length_c   147.113
_cell.angle_alpha   90.00
_cell.angle_beta   90.00
_cell.angle_gamma   90.00
#
_symmetry.space_group_name_H-M   'P 43 21 2'
#
loop_
_entity.id
_entity.type
_entity.pdbx_description
1 polymer "AAC(6')-IB"
2 non-polymer 'ACETYL COENZYME *A'
3 non-polymer 'KANAMYCIN C'
4 non-polymer 'CALCIUM ION'
5 water water
#
_entity_poly.entity_id   1
_entity_poly.type   'polypeptide(L)'
_entity_poly.pdbx_seq_one_letter_code
;GSHMSNAKTKLGITKYSIVTNSNDSVTLRLMTEHDLAMLYEWLNRSHIVEWWGGEEARPTLADVQEQYLPSVLAQESVTP
YIAMLNGEPIGYAQSYVALGSGDGWWEEETDPGVRGIDQLLANASQLGKGLGTKLVRALVELLFNDPEVTKIQTDPSPSN
LRAIRCYEKAGFERQGTVTTPDGPAVYMVQTRQAFERTRSDA
;
_entity_poly.pdbx_strand_id   A
#
# COMPACT_ATOMS: atom_id res chain seq x y z
N ASP A 24 5.93 9.34 16.77
CA ASP A 24 6.27 10.58 16.01
C ASP A 24 5.94 10.48 14.50
N SER A 25 6.92 10.78 13.66
CA SER A 25 6.74 10.98 12.23
C SER A 25 7.07 9.72 11.40
N VAL A 26 6.11 9.26 10.60
CA VAL A 26 6.33 8.11 9.71
C VAL A 26 6.77 8.58 8.33
N THR A 27 7.95 8.14 7.89
CA THR A 27 8.46 8.46 6.57
C THR A 27 8.63 7.21 5.71
N LEU A 28 8.81 7.42 4.40
CA LEU A 28 9.02 6.34 3.46
C LEU A 28 10.35 6.47 2.75
N ARG A 29 11.11 5.38 2.71
CA ARG A 29 12.28 5.23 1.84
C ARG A 29 12.05 4.09 0.86
N LEU A 30 12.75 4.11 -0.28
CA LEU A 30 12.65 2.98 -1.19
C LEU A 30 13.18 1.75 -0.51
N MET A 31 12.57 0.60 -0.82
CA MET A 31 13.12 -0.65 -0.35
C MET A 31 14.25 -1.07 -1.29
N THR A 32 15.29 -1.68 -0.72
CA THR A 32 16.39 -2.27 -1.49
C THR A 32 16.47 -3.78 -1.33
N GLU A 33 17.37 -4.39 -2.12
CA GLU A 33 17.74 -5.79 -2.00
C GLU A 33 18.20 -6.18 -0.58
N HIS A 34 18.85 -5.27 0.11
CA HIS A 34 19.31 -5.49 1.49
C HIS A 34 18.14 -5.64 2.49
N ASP A 35 16.94 -5.25 2.08
CA ASP A 35 15.78 -5.30 2.96
C ASP A 35 15.02 -6.61 2.84
N LEU A 36 15.39 -7.45 1.88
CA LEU A 36 14.60 -8.65 1.56
C LEU A 36 14.55 -9.70 2.67
N ALA A 37 15.67 -9.92 3.36
CA ALA A 37 15.64 -10.88 4.49
C ALA A 37 14.70 -10.43 5.62
N MET A 38 14.75 -9.14 5.94
CA MET A 38 13.83 -8.52 6.91
C MET A 38 12.38 -8.63 6.45
N LEU A 39 12.14 -8.37 5.17
CA LEU A 39 10.78 -8.49 4.61
C LEU A 39 10.30 -9.92 4.70
N TYR A 40 11.20 -10.86 4.43
CA TYR A 40 10.90 -12.28 4.54
C TYR A 40 10.42 -12.63 5.96
N GLU A 41 11.15 -12.16 6.95
CA GLU A 41 10.76 -12.34 8.33
C GLU A 41 9.37 -11.73 8.62
N TRP A 42 9.19 -10.48 8.22
CA TRP A 42 7.89 -9.83 8.40
C TRP A 42 6.73 -10.64 7.82
N LEU A 43 6.90 -11.13 6.59
CA LEU A 43 5.79 -11.79 5.85
C LEU A 43 5.43 -13.15 6.43
N ASN A 44 6.20 -13.57 7.44
CA ASN A 44 5.91 -14.80 8.14
C ASN A 44 5.44 -14.57 9.57
N ARG A 45 5.21 -13.32 9.97
CA ARG A 45 4.63 -13.04 11.28
C ARG A 45 3.12 -13.31 11.18
N SER A 46 2.54 -13.91 12.22
CA SER A 46 1.15 -14.36 12.15
C SER A 46 0.11 -13.26 11.86
N HIS A 47 0.31 -12.06 12.40
CA HIS A 47 -0.59 -10.92 12.14
C HIS A 47 -0.56 -10.43 10.66
N ILE A 48 0.51 -10.79 9.95
CA ILE A 48 0.67 -10.44 8.54
C ILE A 48 0.18 -11.58 7.65
N VAL A 49 0.61 -12.80 7.95
CA VAL A 49 0.19 -14.01 7.23
C VAL A 49 -1.34 -14.08 7.08
N GLU A 50 -2.02 -13.60 8.12
CA GLU A 50 -3.48 -13.56 8.18
C GLU A 50 -4.08 -12.79 7.00
N TRP A 51 -3.48 -11.66 6.65
CA TRP A 51 -4.04 -10.76 5.63
C TRP A 51 -3.24 -10.64 4.32
N TRP A 52 -2.04 -11.20 4.29
CA TRP A 52 -1.11 -11.00 3.17
C TRP A 52 -0.59 -12.32 2.60
N GLY A 53 -0.79 -12.56 1.32
CA GLY A 53 -0.11 -13.69 0.68
C GLY A 53 -0.93 -14.45 -0.36
N ALA A 57 0.93 -17.19 0.82
CA ALA A 57 1.08 -17.03 2.27
C ALA A 57 2.28 -17.83 2.76
N ARG A 58 2.91 -17.36 3.81
CA ARG A 58 4.14 -17.98 4.30
C ARG A 58 5.10 -18.21 3.10
N PRO A 59 5.65 -17.11 2.56
CA PRO A 59 6.65 -17.23 1.52
C PRO A 59 8.00 -17.72 2.09
N THR A 60 8.69 -18.59 1.37
CA THR A 60 10.08 -18.93 1.68
C THR A 60 11.00 -17.72 1.44
N LEU A 61 12.24 -17.81 1.91
CA LEU A 61 13.21 -16.76 1.63
C LEU A 61 13.34 -16.53 0.13
N ALA A 62 13.44 -17.63 -0.62
CA ALA A 62 13.60 -17.56 -2.07
C ALA A 62 12.35 -16.95 -2.74
N ASP A 63 11.15 -17.33 -2.32
CA ASP A 63 9.90 -16.65 -2.77
C ASP A 63 10.00 -15.14 -2.64
N VAL A 64 10.34 -14.66 -1.45
CA VAL A 64 10.46 -13.21 -1.22
C VAL A 64 11.56 -12.61 -2.09
N GLN A 65 12.69 -13.30 -2.22
CA GLN A 65 13.81 -12.77 -2.99
C GLN A 65 13.47 -12.61 -4.48
N GLU A 66 12.74 -13.55 -5.04
CA GLU A 66 12.45 -13.48 -6.46
C GLU A 66 11.20 -12.66 -6.80
N GLN A 67 10.30 -12.47 -5.84
CA GLN A 67 9.07 -11.71 -6.03
C GLN A 67 9.17 -10.22 -5.63
N TYR A 68 9.95 -9.93 -4.59
CA TYR A 68 10.03 -8.57 -4.05
C TYR A 68 11.32 -7.80 -4.34
N LEU A 69 12.28 -8.44 -5.03
CA LEU A 69 13.43 -7.72 -5.58
C LEU A 69 12.92 -6.46 -6.30
N PRO A 70 13.40 -5.26 -5.91
CA PRO A 70 12.84 -4.05 -6.53
C PRO A 70 12.82 -4.04 -8.06
N SER A 71 13.82 -4.65 -8.70
CA SER A 71 13.88 -4.72 -10.17
C SER A 71 12.85 -5.68 -10.72
N VAL A 72 12.52 -6.74 -9.97
CA VAL A 72 11.43 -7.64 -10.36
C VAL A 72 10.08 -6.96 -10.20
N LEU A 73 9.88 -6.27 -9.08
CA LEU A 73 8.64 -5.52 -8.87
C LEU A 73 8.41 -4.43 -9.96
N ALA A 74 9.52 -3.86 -10.44
CA ALA A 74 9.51 -2.83 -11.50
C ALA A 74 8.80 -3.29 -12.74
N GLN A 75 8.99 -4.56 -13.10
CA GLN A 75 8.40 -5.11 -14.31
C GLN A 75 6.89 -5.33 -14.16
N GLU A 76 6.42 -5.13 -12.93
CA GLU A 76 5.00 -5.16 -12.56
C GLU A 76 4.44 -3.76 -12.36
N SER A 77 5.28 -2.74 -12.62
CA SER A 77 4.98 -1.35 -12.24
C SER A 77 4.68 -1.19 -10.74
N VAL A 78 5.40 -1.98 -9.94
CA VAL A 78 5.32 -1.88 -8.48
C VAL A 78 6.60 -1.27 -7.88
N THR A 79 6.39 -0.28 -7.02
CA THR A 79 7.47 0.34 -6.24
C THR A 79 7.32 -0.01 -4.74
N PRO A 80 8.33 -0.72 -4.17
CA PRO A 80 8.38 -1.03 -2.72
C PRO A 80 9.06 0.03 -1.85
N TYR A 81 8.52 0.22 -0.65
CA TYR A 81 9.01 1.17 0.34
C TYR A 81 9.13 0.49 1.69
N ILE A 82 10.00 1.03 2.52
CA ILE A 82 10.07 0.66 3.90
C ILE A 82 9.58 1.86 4.67
N ALA A 83 8.63 1.64 5.57
CA ALA A 83 8.18 2.70 6.45
C ALA A 83 9.13 2.82 7.63
N MET A 84 9.48 4.07 7.95
CA MET A 84 10.45 4.40 8.98
C MET A 84 9.83 5.24 10.12
N LEU A 85 10.21 4.95 11.34
CA LEU A 85 9.74 5.70 12.50
C LEU A 85 10.86 5.73 13.53
N ASN A 86 11.33 6.92 13.87
CA ASN A 86 12.41 7.10 14.84
C ASN A 86 13.64 6.24 14.51
N GLY A 87 13.97 6.24 13.21
CA GLY A 87 15.14 5.54 12.67
C GLY A 87 15.01 4.03 12.53
N GLU A 88 13.88 3.50 12.98
CA GLU A 88 13.58 2.06 12.88
C GLU A 88 12.58 1.77 11.74
N PRO A 89 12.82 0.67 10.98
CA PRO A 89 11.86 0.14 10.00
C PRO A 89 10.65 -0.46 10.71
N ILE A 90 9.45 0.01 10.35
CA ILE A 90 8.22 -0.43 11.02
C ILE A 90 7.18 -1.07 10.09
N GLY A 91 7.44 -1.06 8.80
CA GLY A 91 6.51 -1.71 7.87
C GLY A 91 6.94 -1.66 6.42
N TYR A 92 6.14 -2.30 5.58
CA TYR A 92 6.36 -2.35 4.15
C TYR A 92 5.15 -1.70 3.46
N ALA A 93 5.42 -0.94 2.40
CA ALA A 93 4.36 -0.46 1.53
C ALA A 93 4.79 -0.61 0.09
N GLN A 94 3.81 -0.60 -0.80
CA GLN A 94 4.06 -0.53 -2.23
C GLN A 94 3.03 0.37 -2.90
N SER A 95 3.46 1.01 -4.01
CA SER A 95 2.54 1.70 -4.89
C SER A 95 2.69 1.07 -6.27
N TYR A 96 1.65 1.14 -7.09
CA TYR A 96 1.71 0.54 -8.40
C TYR A 96 0.88 1.38 -9.36
N VAL A 97 1.23 1.33 -10.64
CA VAL A 97 0.40 1.89 -11.71
C VAL A 97 -0.70 0.89 -12.02
N ALA A 98 -1.95 1.25 -11.72
CA ALA A 98 -3.10 0.37 -11.94
C ALA A 98 -3.23 -0.06 -13.43
N LEU A 99 -3.18 0.89 -14.34
CA LEU A 99 -3.35 0.60 -15.75
C LEU A 99 -2.25 -0.32 -16.26
N GLY A 100 -2.64 -1.32 -17.02
CA GLY A 100 -1.70 -2.30 -17.53
C GLY A 100 -1.02 -3.17 -16.50
N SER A 101 -1.61 -3.29 -15.28
CA SER A 101 -1.04 -4.14 -14.20
C SER A 101 -0.81 -5.59 -14.62
N GLY A 102 -1.53 -6.04 -15.64
CA GLY A 102 -1.46 -7.45 -16.10
C GLY A 102 -2.04 -8.46 -15.11
N ASP A 103 -2.06 -9.74 -15.51
CA ASP A 103 -2.58 -10.87 -14.69
C ASP A 103 -4.03 -10.74 -14.19
N GLY A 104 -4.91 -10.14 -14.97
CA GLY A 104 -6.32 -9.95 -14.57
C GLY A 104 -6.59 -8.74 -13.67
N TRP A 105 -5.51 -8.03 -13.32
CA TRP A 105 -5.59 -6.85 -12.45
C TRP A 105 -6.01 -5.55 -13.15
N TRP A 106 -7.05 -4.90 -12.63
CA TRP A 106 -7.45 -3.53 -13.05
C TRP A 106 -7.70 -3.39 -14.55
N GLU A 107 -8.34 -4.39 -15.13
CA GLU A 107 -8.56 -4.41 -16.60
C GLU A 107 -9.49 -3.34 -17.16
N GLU A 108 -10.35 -2.77 -16.32
CA GLU A 108 -11.22 -1.67 -16.76
C GLU A 108 -10.58 -0.28 -16.59
N GLU A 109 -9.39 -0.21 -16.01
CA GLU A 109 -8.73 1.08 -15.84
C GLU A 109 -8.36 1.68 -17.21
N THR A 110 -8.56 2.98 -17.35
CA THR A 110 -8.21 3.68 -18.57
C THR A 110 -7.23 4.82 -18.26
N ASP A 111 -7.13 5.18 -16.98
CA ASP A 111 -6.38 6.39 -16.60
C ASP A 111 -4.99 6.00 -16.09
N PRO A 112 -3.92 6.38 -16.84
CA PRO A 112 -2.55 6.06 -16.43
C PRO A 112 -2.10 6.81 -15.16
N GLY A 113 -2.87 7.82 -14.72
CA GLY A 113 -2.60 8.56 -13.48
C GLY A 113 -2.99 7.86 -12.18
N VAL A 114 -3.73 6.75 -12.28
CA VAL A 114 -4.23 6.08 -11.06
C VAL A 114 -3.10 5.24 -10.47
N ARG A 115 -2.87 5.41 -9.17
CA ARG A 115 -1.93 4.60 -8.40
C ARG A 115 -2.67 3.82 -7.33
N GLY A 116 -2.32 2.56 -7.14
CA GLY A 116 -2.84 1.81 -6.01
C GLY A 116 -1.77 1.63 -4.94
N ILE A 117 -2.22 1.38 -3.70
CA ILE A 117 -1.33 1.12 -2.56
C ILE A 117 -1.73 -0.14 -1.77
N ASP A 118 -0.71 -0.77 -1.19
CA ASP A 118 -0.83 -1.86 -0.22
C ASP A 118 0.23 -1.61 0.86
N GLN A 119 -0.05 -2.01 2.10
CA GLN A 119 0.93 -1.79 3.14
C GLN A 119 0.69 -2.73 4.33
N LEU A 120 1.70 -2.84 5.19
CA LEU A 120 1.60 -3.63 6.40
C LEU A 120 2.50 -3.00 7.47
N LEU A 121 2.14 -3.20 8.73
CA LEU A 121 3.00 -2.88 9.85
C LEU A 121 3.72 -4.16 10.35
N ALA A 122 5.02 -4.04 10.55
CA ALA A 122 5.88 -5.17 10.93
C ALA A 122 5.59 -5.73 12.32
N ASN A 123 5.23 -4.85 13.26
CA ASN A 123 5.19 -5.23 14.69
C ASN A 123 3.79 -5.31 15.24
N ALA A 124 3.38 -6.50 15.69
CA ALA A 124 2.04 -6.71 16.27
C ALA A 124 1.74 -5.76 17.43
N SER A 125 2.77 -5.41 18.20
CA SER A 125 2.63 -4.52 19.35
C SER A 125 2.30 -3.09 18.95
N GLN A 126 2.47 -2.78 17.67
CA GLN A 126 2.26 -1.43 17.16
C GLN A 126 0.97 -1.26 16.35
N LEU A 127 0.12 -2.29 16.30
CA LEU A 127 -1.12 -2.25 15.54
C LEU A 127 -2.21 -1.52 16.33
N GLY A 128 -3.19 -0.94 15.61
CA GLY A 128 -4.28 -0.18 16.25
C GLY A 128 -3.88 1.03 17.09
N LYS A 129 -2.71 1.62 16.83
CA LYS A 129 -2.30 2.84 17.52
C LYS A 129 -2.19 4.04 16.54
N GLY A 130 -2.92 3.97 15.42
CA GLY A 130 -2.90 5.04 14.43
C GLY A 130 -1.63 5.16 13.56
N LEU A 131 -0.67 4.25 13.75
CA LEU A 131 0.57 4.23 12.94
C LEU A 131 0.32 3.92 11.46
N GLY A 132 -0.64 3.02 11.21
CA GLY A 132 -1.06 2.66 9.85
C GLY A 132 -1.67 3.83 9.09
N THR A 133 -2.50 4.63 9.77
CA THR A 133 -3.07 5.84 9.20
C THR A 133 -1.99 6.85 8.79
N LYS A 134 -1.04 7.07 9.68
CA LYS A 134 0.14 7.89 9.37
C LYS A 134 0.94 7.36 8.17
N LEU A 135 1.18 6.05 8.11
CA LEU A 135 1.87 5.46 6.98
C LEU A 135 1.10 5.75 5.68
N VAL A 136 -0.21 5.51 5.70
CA VAL A 136 -1.03 5.74 4.52
C VAL A 136 -1.02 7.22 4.08
N ARG A 137 -1.14 8.15 5.04
CA ARG A 137 -1.14 9.59 4.74
CA ARG A 137 -1.16 9.56 4.69
C ARG A 137 0.18 9.98 4.08
N ALA A 138 1.27 9.43 4.60
CA ALA A 138 2.61 9.69 4.09
C ALA A 138 2.76 9.17 2.66
N LEU A 139 2.27 7.95 2.42
CA LEU A 139 2.25 7.38 1.08
C LEU A 139 1.37 8.16 0.09
N VAL A 140 0.18 8.59 0.51
CA VAL A 140 -0.70 9.38 -0.36
C VAL A 140 -0.06 10.74 -0.74
N GLU A 141 0.52 11.43 0.24
CA GLU A 141 1.23 12.69 -0.04
C GLU A 141 2.36 12.49 -1.05
N LEU A 142 3.15 11.44 -0.84
CA LEU A 142 4.23 11.05 -1.73
CA LEU A 142 4.23 11.10 -1.75
C LEU A 142 3.71 10.94 -3.16
N LEU A 143 2.65 10.15 -3.34
CA LEU A 143 2.17 9.86 -4.69
C LEU A 143 1.59 11.10 -5.40
N PHE A 144 0.90 11.96 -4.65
CA PHE A 144 0.37 13.20 -5.22
C PHE A 144 1.49 14.23 -5.57
N ASN A 145 2.70 14.02 -5.05
CA ASN A 145 3.88 14.79 -5.44
C ASN A 145 4.45 14.39 -6.80
N ASP A 146 3.94 13.31 -7.37
CA ASP A 146 4.10 13.03 -8.79
C ASP A 146 2.92 13.74 -9.49
N PRO A 147 3.22 14.86 -10.21
CA PRO A 147 2.10 15.67 -10.76
C PRO A 147 1.23 14.89 -11.78
N GLU A 148 1.68 13.71 -12.19
CA GLU A 148 0.95 12.88 -13.14
C GLU A 148 -0.18 12.02 -12.53
N VAL A 149 -0.12 11.87 -11.20
CA VAL A 149 -1.01 11.04 -10.42
C VAL A 149 -2.35 11.76 -10.23
N THR A 150 -3.43 11.07 -10.55
CA THR A 150 -4.76 11.70 -10.51
C THR A 150 -5.60 11.23 -9.34
N LYS A 151 -5.33 10.01 -8.88
CA LYS A 151 -6.19 9.32 -7.92
C LYS A 151 -5.47 8.11 -7.34
N ILE A 152 -5.66 7.90 -6.05
CA ILE A 152 -5.06 6.74 -5.43
CA ILE A 152 -5.07 6.74 -5.37
C ILE A 152 -6.19 5.75 -5.12
N GLN A 153 -5.94 4.47 -5.40
CA GLN A 153 -6.93 3.43 -5.11
C GLN A 153 -6.31 2.45 -4.12
N THR A 154 -7.18 1.73 -3.43
CA THR A 154 -6.75 0.57 -2.63
C THR A 154 -7.88 -0.47 -2.61
N ASP A 155 -7.54 -1.71 -2.28
CA ASP A 155 -8.52 -2.80 -2.46
C ASP A 155 -8.45 -3.83 -1.32
N PRO A 156 -8.67 -3.40 -0.06
CA PRO A 156 -8.62 -4.33 1.07
C PRO A 156 -9.72 -5.38 0.92
N SER A 157 -9.50 -6.59 1.43
CA SER A 157 -10.55 -7.61 1.36
C SER A 157 -11.76 -7.18 2.22
N PRO A 158 -12.97 -7.62 1.85
CA PRO A 158 -14.15 -7.32 2.65
C PRO A 158 -14.03 -7.70 4.13
N SER A 159 -13.34 -8.80 4.45
CA SER A 159 -13.12 -9.28 5.84
C SER A 159 -12.20 -8.36 6.65
N ASN A 160 -11.31 -7.64 5.96
CA ASN A 160 -10.29 -6.83 6.62
C ASN A 160 -10.81 -5.45 7.00
N LEU A 161 -11.69 -5.43 8.00
CA LEU A 161 -12.37 -4.20 8.42
C LEU A 161 -11.45 -3.16 9.06
N ARG A 162 -10.46 -3.63 9.80
CA ARG A 162 -9.43 -2.78 10.36
C ARG A 162 -8.69 -1.96 9.27
N ALA A 163 -8.25 -2.61 8.19
CA ALA A 163 -7.58 -1.93 7.05
C ALA A 163 -8.52 -0.92 6.38
N ILE A 164 -9.78 -1.33 6.15
CA ILE A 164 -10.82 -0.45 5.58
C ILE A 164 -10.99 0.84 6.41
N ARG A 165 -11.13 0.68 7.72
CA ARG A 165 -11.23 1.82 8.64
C ARG A 165 -9.96 2.69 8.67
N CYS A 166 -8.80 2.06 8.71
CA CYS A 166 -7.53 2.80 8.52
C CYS A 166 -7.51 3.66 7.22
N TYR A 167 -7.86 3.07 6.07
CA TYR A 167 -7.92 3.80 4.81
C TYR A 167 -8.93 4.96 4.85
N GLU A 168 -10.08 4.74 5.48
CA GLU A 168 -11.07 5.82 5.63
C GLU A 168 -10.53 7.02 6.40
N LYS A 169 -9.86 6.75 7.54
CA LYS A 169 -9.27 7.81 8.37
C LYS A 169 -8.16 8.57 7.62
N ALA A 170 -7.56 7.89 6.64
CA ALA A 170 -6.50 8.44 5.82
C ALA A 170 -7.06 9.18 4.60
N GLY A 171 -8.38 9.27 4.47
CA GLY A 171 -8.99 10.10 3.39
C GLY A 171 -9.58 9.33 2.22
N PHE A 172 -9.58 7.99 2.27
CA PHE A 172 -10.13 7.16 1.21
C PHE A 172 -11.63 6.95 1.42
N GLU A 173 -12.34 6.81 0.30
CA GLU A 173 -13.76 6.57 0.30
C GLU A 173 -14.09 5.26 -0.40
N ARG A 174 -14.92 4.47 0.28
CA ARG A 174 -15.42 3.18 -0.26
C ARG A 174 -16.31 3.44 -1.45
N GLN A 175 -16.06 2.73 -2.55
CA GLN A 175 -16.84 2.91 -3.75
C GLN A 175 -17.82 1.78 -3.92
N GLY A 176 -17.34 0.57 -3.69
CA GLY A 176 -18.16 -0.62 -3.88
C GLY A 176 -17.26 -1.82 -4.02
N THR A 177 -17.86 -2.95 -4.37
CA THR A 177 -17.17 -4.22 -4.41
C THR A 177 -16.74 -4.47 -5.86
N VAL A 178 -15.50 -4.88 -6.02
CA VAL A 178 -14.95 -5.28 -7.33
C VAL A 178 -14.36 -6.66 -7.20
N THR A 179 -14.33 -7.42 -8.29
CA THR A 179 -13.70 -8.73 -8.29
C THR A 179 -12.28 -8.55 -8.78
N THR A 180 -11.33 -9.12 -8.05
CA THR A 180 -9.92 -9.07 -8.45
C THR A 180 -9.40 -10.51 -8.53
N PRO A 181 -8.18 -10.71 -9.06
CA PRO A 181 -7.56 -12.04 -8.96
C PRO A 181 -7.37 -12.56 -7.53
N ASP A 182 -7.28 -11.69 -6.53
CA ASP A 182 -7.31 -12.13 -5.13
C ASP A 182 -8.75 -12.22 -4.52
N GLY A 183 -9.80 -12.33 -5.33
CA GLY A 183 -11.18 -12.38 -4.78
C GLY A 183 -11.85 -11.00 -4.74
N PRO A 184 -13.11 -10.91 -4.23
CA PRO A 184 -13.75 -9.58 -4.13
C PRO A 184 -12.96 -8.65 -3.24
N ALA A 185 -13.03 -7.35 -3.51
CA ALA A 185 -12.32 -6.38 -2.69
C ALA A 185 -13.23 -5.18 -2.52
N VAL A 186 -13.03 -4.43 -1.44
CA VAL A 186 -13.69 -3.14 -1.27
C VAL A 186 -12.79 -2.08 -1.97
N TYR A 187 -13.23 -1.64 -3.14
CA TYR A 187 -12.53 -0.60 -3.90
C TYR A 187 -12.71 0.74 -3.20
N MET A 188 -11.58 1.34 -2.81
CA MET A 188 -11.58 2.63 -2.11
C MET A 188 -10.68 3.60 -2.88
N VAL A 189 -11.03 4.88 -2.93
CA VAL A 189 -10.23 5.85 -3.71
C VAL A 189 -10.09 7.15 -2.95
N GLN A 190 -9.03 7.88 -3.30
CA GLN A 190 -8.87 9.27 -2.88
C GLN A 190 -8.32 10.03 -4.10
N THR A 191 -9.12 10.97 -4.61
CA THR A 191 -8.73 11.77 -5.77
C THR A 191 -7.81 12.91 -5.35
N ARG A 192 -7.07 13.43 -6.33
CA ARG A 192 -6.25 14.63 -6.09
C ARG A 192 -7.06 15.82 -5.54
N GLN A 193 -8.24 16.07 -6.11
CA GLN A 193 -9.12 17.18 -5.65
C GLN A 193 -9.50 17.05 -4.18
N ALA A 194 -9.90 15.86 -3.75
CA ALA A 194 -10.13 15.58 -2.34
C ALA A 194 -8.89 15.82 -1.48
N PHE A 195 -7.72 15.43 -1.96
CA PHE A 195 -6.47 15.67 -1.22
C PHE A 195 -6.21 17.19 -1.06
N GLU A 196 -6.39 17.95 -2.14
CA GLU A 196 -6.22 19.43 -2.13
C GLU A 196 -7.16 20.10 -1.11
N ARG A 197 -8.44 19.71 -1.18
CA ARG A 197 -9.50 20.25 -0.33
C ARG A 197 -9.34 19.88 1.13
N THR A 198 -8.67 18.77 1.43
CA THR A 198 -8.51 18.41 2.83
C THR A 198 -7.16 18.82 3.45
N ARG A 199 -6.37 19.61 2.71
CA ARG A 199 -5.10 20.17 3.21
C ARG A 199 -5.29 21.26 4.28
N SER A 200 -6.18 22.21 4.00
CA SER A 200 -6.58 23.20 5.02
C SER A 200 -8.09 23.18 5.25
N ASP A 201 -8.52 23.77 6.37
CA ASP A 201 -9.95 24.00 6.61
C ASP A 201 -10.45 25.33 6.02
N ALA A 202 -9.56 26.07 5.34
CA ALA A 202 -9.93 27.25 4.55
C ALA A 202 -10.56 26.89 3.18
#